data_6W6B
#
_entry.id   6W6B
#
_cell.length_a   87.303
_cell.length_b   87.303
_cell.length_c   85.562
_cell.angle_alpha   90.000
_cell.angle_beta   90.000
_cell.angle_gamma   120.000
#
_symmetry.space_group_name_H-M   'P 31 2 1'
#
loop_
_entity.id
_entity.type
_entity.pdbx_description
1 polymer 'SaFakA-Cterminus domain'
2 non-polymer 'SULFATE ION'
3 water water
#
_entity_poly.entity_id   1
_entity_poly.type   'polypeptide(L)'
_entity_poly.pdbx_seq_one_letter_code
;MGSSHHHHHHSSGLVPRGSHMETVETAIITISMGEGISEIFKSMGATHIISGGQTMNPSTEDIVKVIEQSKCKRAIILPN
NKNILMASEQAASIVDAEAVVIPTKSIPQGISALFQYDVDATLEENKAQMADSVNNVKSGSLTYAVRDTKIDGVEIKKDA
FMGLIEDKIVSSQSDQLTTVTELLNEMLAEDSEILTVIIGQDAEQAVTDNMINWIEEQYPDVEVEVHEGGQPIYQYFFSV
E
;
_entity_poly.pdbx_strand_id   A
#
loop_
_chem_comp.id
_chem_comp.type
_chem_comp.name
_chem_comp.formula
SO4 non-polymer 'SULFATE ION' 'O4 S -2'
#
# COMPACT_ATOMS: atom_id res chain seq x y z
N HIS A 9 -13.32 4.86 -12.20
CA HIS A 9 -14.31 5.97 -12.45
C HIS A 9 -13.62 7.32 -12.20
N HIS A 10 -13.63 8.21 -13.21
CA HIS A 10 -13.15 9.62 -13.12
C HIS A 10 -14.15 10.58 -13.75
N SER A 11 -13.90 11.87 -13.50
CA SER A 11 -14.73 12.97 -13.99
C SER A 11 -14.32 13.27 -15.45
N SER A 12 -15.26 13.76 -16.24
CA SER A 12 -15.06 14.16 -17.63
C SER A 12 -13.96 15.19 -17.78
N GLY A 13 -13.41 15.30 -18.96
CA GLY A 13 -12.32 16.22 -19.28
C GLY A 13 -10.99 15.58 -19.01
N LEU A 14 -9.94 16.43 -18.91
CA LEU A 14 -8.56 15.98 -18.70
C LEU A 14 -8.45 15.43 -17.28
N VAL A 15 -8.10 14.14 -17.18
CA VAL A 15 -7.93 13.43 -15.89
C VAL A 15 -6.56 13.81 -15.36
N PRO A 16 -6.45 14.32 -14.11
CA PRO A 16 -5.13 14.59 -13.54
C PRO A 16 -4.21 13.37 -13.54
N ARG A 17 -2.96 13.61 -13.90
CA ARG A 17 -1.86 12.59 -13.96
C ARG A 17 -1.44 12.18 -12.54
N GLY A 18 -1.65 13.05 -11.55
CA GLY A 18 -1.20 12.82 -10.19
C GLY A 18 -1.27 14.10 -9.40
N SER A 19 -0.46 14.18 -8.37
CA SER A 19 -0.43 15.30 -7.38
C SER A 19 0.31 16.51 -7.93
N HIS A 20 0.17 17.65 -7.23
CA HIS A 20 0.87 18.95 -7.49
C HIS A 20 2.36 18.68 -7.75
N MET A 21 2.95 19.28 -8.80
CA MET A 21 4.40 19.15 -9.05
C MET A 21 5.20 19.97 -8.04
N GLU A 22 5.86 19.37 -7.04
CA GLU A 22 6.75 20.12 -6.12
C GLU A 22 8.21 19.95 -6.61
N THR A 23 9.02 20.93 -6.27
CA THR A 23 10.47 20.87 -6.51
C THR A 23 11.12 20.31 -5.23
N VAL A 24 11.91 19.26 -5.33
CA VAL A 24 12.53 18.61 -4.12
C VAL A 24 13.94 18.07 -4.45
N GLU A 25 14.76 17.87 -3.45
CA GLU A 25 16.09 17.29 -3.72
C GLU A 25 15.95 15.77 -3.85
N THR A 26 15.13 15.18 -2.99
CA THR A 26 14.87 13.72 -3.07
C THR A 26 13.38 13.51 -3.29
N ALA A 27 12.99 13.01 -4.47
CA ALA A 27 11.58 12.75 -4.81
C ALA A 27 11.24 11.33 -4.29
N ILE A 28 10.12 11.24 -3.59
CA ILE A 28 9.52 9.98 -3.14
C ILE A 28 8.23 9.83 -3.92
N ILE A 29 8.32 8.99 -4.95
CA ILE A 29 7.29 8.90 -6.01
C ILE A 29 6.49 7.64 -5.76
N THR A 30 5.19 7.74 -5.51
CA THR A 30 4.34 6.59 -5.17
C THR A 30 3.15 6.57 -6.14
N ILE A 31 2.78 5.42 -6.56
CA ILE A 31 1.63 5.28 -7.45
C ILE A 31 0.37 4.97 -6.64
N SER A 32 -0.68 5.73 -6.87
CA SER A 32 -1.98 5.44 -6.22
C SER A 32 -2.79 4.63 -7.27
N MET A 33 -3.70 3.84 -6.81
CA MET A 33 -4.60 3.06 -7.69
C MET A 33 -5.91 3.82 -7.85
N GLY A 34 -5.90 5.10 -7.47
CA GLY A 34 -7.02 6.00 -7.72
C GLY A 34 -8.12 5.76 -6.73
N GLU A 35 -7.82 5.15 -5.59
CA GLU A 35 -8.85 4.94 -4.52
C GLU A 35 -8.72 5.81 -3.24
N GLY A 36 -8.18 7.03 -3.22
CA GLY A 36 -8.20 7.92 -2.01
C GLY A 36 -7.01 7.74 -1.03
N ILE A 37 -5.86 7.35 -1.53
CA ILE A 37 -4.68 6.95 -0.72
C ILE A 37 -3.72 8.14 -0.68
N SER A 38 -3.91 9.14 -1.53
CA SER A 38 -2.94 10.22 -1.63
C SER A 38 -2.65 10.84 -0.28
N GLU A 39 -3.67 11.20 0.55
CA GLU A 39 -3.47 11.86 1.90
C GLU A 39 -2.47 11.07 2.74
N ILE A 40 -2.68 9.74 2.71
CA ILE A 40 -1.92 8.78 3.54
C ILE A 40 -0.52 8.80 3.00
N PHE A 41 -0.35 8.64 1.71
CA PHE A 41 1.00 8.58 1.17
C PHE A 41 1.74 9.89 1.45
N LYS A 42 1.09 11.05 1.23
CA LYS A 42 1.77 12.35 1.48
C LYS A 42 2.17 12.44 2.95
N SER A 43 1.31 12.00 3.86
CA SER A 43 1.55 12.00 5.32
C SER A 43 2.83 11.24 5.60
N MET A 44 3.02 10.13 4.88
CA MET A 44 4.13 9.16 5.12
C MET A 44 5.45 9.56 4.39
N GLY A 45 5.44 10.65 3.63
CA GLY A 45 6.66 11.14 2.98
C GLY A 45 6.70 11.17 1.51
N ALA A 46 5.64 10.71 0.87
CA ALA A 46 5.62 10.82 -0.59
C ALA A 46 5.61 12.30 -0.98
N THR A 47 6.41 12.65 -2.00
CA THR A 47 6.43 13.99 -2.54
C THR A 47 5.61 14.13 -3.81
N HIS A 48 5.43 13.03 -4.52
CA HIS A 48 4.77 12.99 -5.83
C HIS A 48 3.95 11.74 -5.92
N ILE A 49 2.65 11.88 -6.13
CA ILE A 49 1.74 10.74 -6.29
C ILE A 49 1.36 10.71 -7.76
N ILE A 50 1.52 9.58 -8.37
CA ILE A 50 1.07 9.38 -9.79
C ILE A 50 -0.20 8.59 -9.71
N SER A 51 -1.20 9.00 -10.48
CA SER A 51 -2.49 8.27 -10.53
C SER A 51 -2.37 7.04 -11.45
N GLY A 52 -2.60 5.90 -10.81
CA GLY A 52 -2.66 4.57 -11.41
C GLY A 52 -4.12 4.18 -11.64
N GLY A 53 -4.36 2.93 -12.04
CA GLY A 53 -5.71 2.44 -12.49
C GLY A 53 -6.47 3.38 -13.43
N GLN A 54 -5.81 4.16 -14.26
CA GLN A 54 -6.41 4.68 -15.54
C GLN A 54 -6.40 3.52 -16.57
N THR A 55 -6.93 3.73 -17.78
CA THR A 55 -6.90 2.68 -18.82
C THR A 55 -5.47 2.19 -18.97
N MET A 56 -4.60 3.13 -19.24
CA MET A 56 -3.17 2.90 -19.45
C MET A 56 -2.46 3.12 -18.10
N ASN A 57 -1.61 2.22 -17.71
CA ASN A 57 -0.72 2.42 -16.55
C ASN A 57 0.21 3.58 -16.80
N PRO A 58 0.85 4.18 -15.78
CA PRO A 58 1.93 5.18 -15.97
C PRO A 58 3.02 4.53 -16.83
N SER A 59 3.46 5.28 -17.81
CA SER A 59 4.51 4.87 -18.74
C SER A 59 5.89 5.19 -18.19
N THR A 60 6.91 4.60 -18.80
CA THR A 60 8.28 4.95 -18.54
C THR A 60 8.45 6.46 -18.62
N GLU A 61 8.00 7.07 -19.71
CA GLU A 61 8.19 8.53 -19.88
C GLU A 61 7.32 9.35 -18.92
N ASP A 62 6.18 8.85 -18.47
CA ASP A 62 5.40 9.54 -17.46
C ASP A 62 6.26 9.68 -16.19
N ILE A 63 6.95 8.62 -15.83
CA ILE A 63 7.76 8.61 -14.58
C ILE A 63 8.99 9.47 -14.78
N VAL A 64 9.65 9.34 -15.94
CA VAL A 64 10.78 10.22 -16.26
C VAL A 64 10.37 11.68 -16.10
N LYS A 65 9.20 12.06 -16.62
CA LYS A 65 8.76 13.47 -16.57
C LYS A 65 8.57 13.89 -15.12
N VAL A 66 7.98 13.07 -14.25
CA VAL A 66 7.84 13.49 -12.83
C VAL A 66 9.25 13.74 -12.23
N ILE A 67 10.16 12.80 -12.46
CA ILE A 67 11.50 12.93 -11.92
C ILE A 67 12.15 14.23 -12.45
N GLU A 68 12.08 14.46 -13.74
CA GLU A 68 12.72 15.66 -14.37
C GLU A 68 12.05 16.94 -13.90
N GLN A 69 10.73 17.01 -13.86
CA GLN A 69 10.01 18.23 -13.45
C GLN A 69 10.24 18.58 -11.97
N SER A 70 10.43 17.58 -11.10
CA SER A 70 10.69 17.76 -9.64
C SER A 70 12.05 18.40 -9.42
N LYS A 71 12.95 18.33 -10.42
CA LYS A 71 14.36 18.82 -10.34
C LYS A 71 15.12 18.06 -9.24
N CYS A 72 14.68 16.86 -8.89
CA CYS A 72 15.34 16.10 -7.82
C CYS A 72 16.73 15.63 -8.26
N LYS A 73 17.59 15.45 -7.28
CA LYS A 73 18.91 14.84 -7.46
C LYS A 73 18.82 13.34 -7.21
N ARG A 74 17.84 12.93 -6.43
CA ARG A 74 17.69 11.52 -6.00
C ARG A 74 16.21 11.21 -6.02
N ALA A 75 15.85 9.95 -6.26
CA ALA A 75 14.44 9.56 -6.22
C ALA A 75 14.31 8.13 -5.73
N ILE A 76 13.19 7.89 -5.05
CA ILE A 76 12.75 6.53 -4.66
C ILE A 76 11.39 6.34 -5.26
N ILE A 77 11.21 5.29 -6.04
CA ILE A 77 9.97 5.01 -6.77
C ILE A 77 9.32 3.75 -6.23
N LEU A 78 8.05 3.87 -5.86
CA LEU A 78 7.24 2.78 -5.33
C LEU A 78 6.08 2.50 -6.26
N PRO A 79 6.21 1.52 -7.19
CA PRO A 79 5.16 1.29 -8.18
C PRO A 79 3.82 0.78 -7.62
N ASN A 80 3.92 0.00 -6.52
CA ASN A 80 2.70 -0.48 -5.86
C ASN A 80 1.81 -1.33 -6.75
N ASN A 81 2.41 -1.99 -7.73
CA ASN A 81 1.66 -2.72 -8.78
C ASN A 81 2.71 -3.40 -9.61
N LYS A 82 2.62 -4.71 -9.73
CA LYS A 82 3.63 -5.45 -10.50
C LYS A 82 3.66 -5.01 -11.98
N ASN A 83 2.54 -4.51 -12.49
CA ASN A 83 2.51 -4.06 -13.87
C ASN A 83 3.34 -2.81 -14.14
N ILE A 84 3.70 -2.08 -13.07
CA ILE A 84 4.37 -0.77 -13.19
C ILE A 84 5.87 -0.91 -12.85
N LEU A 85 6.31 -2.13 -12.56
N LEU A 85 6.33 -2.12 -12.47
CA LEU A 85 7.72 -2.31 -12.18
CA LEU A 85 7.77 -2.30 -12.16
C LEU A 85 8.67 -2.03 -13.34
C LEU A 85 8.63 -1.93 -13.38
N MET A 86 8.29 -2.46 -14.55
CA MET A 86 9.19 -2.24 -15.69
C MET A 86 9.33 -0.78 -16.02
N ALA A 87 8.22 -0.03 -16.04
CA ALA A 87 8.27 1.41 -16.32
C ALA A 87 9.16 2.10 -15.26
N SER A 88 9.03 1.68 -14.00
CA SER A 88 9.80 2.32 -12.94
C SER A 88 11.29 2.07 -13.14
N GLU A 89 11.63 0.82 -13.42
CA GLU A 89 13.06 0.44 -13.65
C GLU A 89 13.57 1.14 -14.90
N GLN A 90 12.84 1.21 -15.94
N GLN A 90 12.85 1.21 -15.93
CA GLN A 90 13.28 1.87 -17.20
CA GLN A 90 13.36 1.86 -17.15
C GLN A 90 13.52 3.35 -16.87
C GLN A 90 13.52 3.37 -16.87
N ALA A 91 12.57 3.97 -16.17
CA ALA A 91 12.72 5.43 -15.85
C ALA A 91 13.97 5.67 -14.99
N ALA A 92 14.16 4.82 -13.99
CA ALA A 92 15.29 5.00 -13.09
C ALA A 92 16.62 4.97 -13.86
N SER A 93 16.69 4.13 -14.89
CA SER A 93 17.86 3.98 -15.76
C SER A 93 18.10 5.18 -16.67
N ILE A 94 17.05 5.84 -17.09
CA ILE A 94 17.11 6.94 -18.08
C ILE A 94 17.53 8.26 -17.40
N VAL A 95 16.98 8.54 -16.22
CA VAL A 95 17.14 9.91 -15.64
C VAL A 95 18.58 10.18 -15.16
N ASP A 96 18.96 11.46 -15.12
CA ASP A 96 20.25 11.97 -14.54
C ASP A 96 20.24 11.70 -13.02
N ALA A 97 19.08 11.84 -12.37
CA ALA A 97 19.00 11.66 -10.91
C ALA A 97 19.43 10.25 -10.53
N GLU A 98 19.90 10.13 -9.30
CA GLU A 98 20.18 8.85 -8.69
C GLU A 98 18.83 8.29 -8.23
N ALA A 99 18.27 7.33 -8.95
CA ALA A 99 16.90 6.86 -8.73
C ALA A 99 16.91 5.39 -8.45
N VAL A 100 16.15 5.00 -7.45
CA VAL A 100 16.03 3.60 -7.08
C VAL A 100 14.56 3.21 -7.02
N VAL A 101 14.33 1.93 -7.29
CA VAL A 101 12.97 1.37 -7.28
C VAL A 101 12.85 0.40 -6.09
N ILE A 102 11.81 0.62 -5.31
CA ILE A 102 11.42 -0.34 -4.25
C ILE A 102 10.29 -1.13 -4.88
N PRO A 103 10.44 -2.45 -5.12
CA PRO A 103 9.52 -3.18 -5.97
C PRO A 103 8.25 -3.64 -5.28
N THR A 104 7.51 -2.66 -4.78
CA THR A 104 6.23 -2.94 -4.15
C THR A 104 5.21 -3.36 -5.22
N LYS A 105 4.31 -4.26 -4.82
CA LYS A 105 3.41 -4.88 -5.80
C LYS A 105 1.95 -4.64 -5.47
N SER A 106 1.68 -3.89 -4.40
CA SER A 106 0.32 -3.56 -3.98
C SER A 106 0.37 -2.28 -3.17
N ILE A 107 -0.81 -1.70 -2.98
CA ILE A 107 -0.89 -0.52 -2.10
C ILE A 107 -0.51 -0.88 -0.66
N PRO A 108 -1.03 -1.98 -0.05
CA PRO A 108 -0.61 -2.29 1.32
C PRO A 108 0.90 -2.48 1.44
N GLN A 109 1.53 -3.07 0.43
CA GLN A 109 2.98 -3.24 0.42
C GLN A 109 3.70 -1.91 0.36
N GLY A 110 3.17 -0.97 -0.42
CA GLY A 110 3.69 0.39 -0.45
C GLY A 110 3.62 1.10 0.87
N ILE A 111 2.50 0.92 1.55
CA ILE A 111 2.31 1.49 2.92
C ILE A 111 3.38 0.90 3.83
N SER A 112 3.52 -0.40 3.82
CA SER A 112 4.50 -1.08 4.67
C SER A 112 5.90 -0.57 4.37
N ALA A 113 6.23 -0.37 3.11
CA ALA A 113 7.56 0.10 2.77
C ALA A 113 7.74 1.54 3.27
N LEU A 114 6.74 2.38 3.15
CA LEU A 114 6.87 3.75 3.64
C LEU A 114 7.01 3.86 5.15
N PHE A 115 6.58 2.87 5.92
CA PHE A 115 6.90 2.93 7.35
C PHE A 115 8.40 3.06 7.60
N GLN A 116 9.18 2.48 6.70
CA GLN A 116 10.63 2.43 6.84
C GLN A 116 11.35 3.67 6.29
N TYR A 117 10.67 4.52 5.59
CA TYR A 117 11.26 5.75 5.02
C TYR A 117 11.49 6.76 6.12
N ASP A 118 12.69 7.24 6.10
CA ASP A 118 13.13 8.32 7.02
C ASP A 118 13.78 9.48 6.23
N VAL A 119 13.16 10.66 6.23
CA VAL A 119 13.64 11.80 5.46
C VAL A 119 15.09 12.16 5.86
N ASP A 120 15.54 11.79 7.05
CA ASP A 120 16.90 12.12 7.53
C ASP A 120 17.94 11.07 7.13
N ALA A 121 17.48 9.94 6.61
CA ALA A 121 18.38 8.83 6.30
C ALA A 121 18.96 9.06 4.89
N THR A 122 20.04 8.36 4.57
CA THR A 122 20.60 8.43 3.22
C THR A 122 19.72 7.66 2.25
N LEU A 123 19.94 7.94 0.98
CA LEU A 123 19.22 7.17 -0.08
C LEU A 123 19.47 5.66 0.12
N GLU A 124 20.72 5.27 0.31
CA GLU A 124 21.04 3.83 0.44
C GLU A 124 20.42 3.23 1.71
N GLU A 125 20.41 3.97 2.80
CA GLU A 125 19.80 3.44 4.05
C GLU A 125 18.29 3.26 3.81
N ASN A 126 17.65 4.25 3.22
CA ASN A 126 16.23 4.10 2.91
C ASN A 126 15.99 2.94 1.93
N LYS A 127 16.80 2.88 0.87
N LYS A 127 16.80 2.82 0.86
CA LYS A 127 16.63 1.78 -0.09
CA LYS A 127 16.52 1.72 -0.09
C LYS A 127 16.64 0.43 0.65
C LYS A 127 16.63 0.39 0.65
N ALA A 128 17.66 0.23 1.46
CA ALA A 128 17.85 -1.08 2.12
C ALA A 128 16.65 -1.41 3.04
N GLN A 129 16.23 -0.46 3.85
CA GLN A 129 15.15 -0.68 4.82
C GLN A 129 13.82 -0.90 4.10
N MET A 130 13.56 -0.09 3.08
CA MET A 130 12.29 -0.22 2.36
C MET A 130 12.24 -1.50 1.52
N ALA A 131 13.33 -1.85 0.88
CA ALA A 131 13.42 -3.11 0.11
C ALA A 131 13.26 -4.29 1.05
N ASP A 132 13.85 -4.22 2.24
N ASP A 132 13.81 -4.18 2.25
CA ASP A 132 13.72 -5.35 3.20
CA ASP A 132 13.73 -5.27 3.28
C ASP A 132 12.26 -5.58 3.54
C ASP A 132 12.27 -5.54 3.61
N SER A 133 11.51 -4.50 3.69
N SER A 133 11.41 -4.51 3.68
CA SER A 133 10.08 -4.55 4.04
CA SER A 133 9.99 -4.70 4.02
C SER A 133 9.30 -5.38 2.99
C SER A 133 9.31 -5.53 2.94
N VAL A 134 9.59 -5.23 1.69
CA VAL A 134 8.89 -5.97 0.64
C VAL A 134 9.13 -7.49 0.84
N ASN A 135 10.33 -7.83 1.28
CA ASN A 135 10.71 -9.24 1.41
C ASN A 135 10.26 -9.87 2.72
N ASN A 136 10.17 -9.09 3.81
CA ASN A 136 10.09 -9.64 5.14
C ASN A 136 8.87 -9.20 5.96
N VAL A 137 8.09 -8.26 5.45
CA VAL A 137 6.86 -7.81 6.12
C VAL A 137 5.67 -8.33 5.34
N LYS A 138 4.65 -8.80 6.02
N LYS A 138 4.69 -8.91 6.01
CA LYS A 138 3.45 -9.37 5.39
CA LYS A 138 3.44 -9.33 5.38
C LYS A 138 2.35 -8.31 5.41
C LYS A 138 2.49 -8.14 5.38
N SER A 139 1.90 -7.90 4.22
CA SER A 139 0.92 -6.84 4.04
C SER A 139 -0.42 -7.41 3.62
N GLY A 140 -1.47 -6.79 4.06
CA GLY A 140 -2.82 -7.23 3.71
C GLY A 140 -3.87 -6.20 4.00
N SER A 141 -5.12 -6.53 3.75
CA SER A 141 -6.17 -5.53 3.83
C SER A 141 -7.52 -6.22 3.99
N LEU A 142 -8.46 -5.45 4.52
CA LEU A 142 -9.86 -5.87 4.60
C LEU A 142 -10.69 -4.88 3.81
N THR A 143 -11.55 -5.40 2.94
CA THR A 143 -12.47 -4.60 2.12
C THR A 143 -13.81 -5.29 2.05
N TYR A 144 -14.64 -4.82 1.13
CA TYR A 144 -16.00 -5.40 0.96
C TYR A 144 -16.42 -5.23 -0.48
N ALA A 145 -17.34 -6.10 -0.88
CA ALA A 145 -17.79 -6.19 -2.28
C ALA A 145 -18.93 -5.16 -2.46
N VAL A 146 -18.66 -4.06 -3.13
CA VAL A 146 -19.71 -3.00 -3.41
C VAL A 146 -20.72 -3.56 -4.42
N ARG A 147 -20.28 -4.51 -5.26
CA ARG A 147 -21.14 -5.29 -6.18
C ARG A 147 -20.60 -6.72 -6.28
N ASP A 148 -21.37 -7.64 -6.86
CA ASP A 148 -20.81 -8.96 -7.18
C ASP A 148 -19.48 -8.78 -7.93
N THR A 149 -18.46 -9.50 -7.49
CA THR A 149 -17.11 -9.33 -8.05
C THR A 149 -16.39 -10.70 -8.10
N LYS A 150 -15.35 -10.78 -8.84
CA LYS A 150 -14.53 -11.98 -8.95
C LYS A 150 -13.11 -11.50 -8.64
N ILE A 151 -12.44 -12.10 -7.64
N ILE A 151 -12.41 -12.28 -7.84
CA ILE A 151 -11.00 -11.90 -7.36
CA ILE A 151 -11.02 -11.98 -7.45
C ILE A 151 -10.34 -13.28 -7.45
C ILE A 151 -10.26 -13.30 -7.37
N ASP A 152 -9.23 -13.41 -8.19
CA ASP A 152 -8.48 -14.67 -8.24
C ASP A 152 -9.43 -15.82 -8.58
N GLY A 153 -10.37 -15.56 -9.47
CA GLY A 153 -11.28 -16.59 -9.87
C GLY A 153 -12.41 -16.93 -8.91
N VAL A 154 -12.40 -16.33 -7.72
CA VAL A 154 -13.39 -16.60 -6.68
C VAL A 154 -14.52 -15.57 -6.80
N GLU A 155 -15.73 -16.04 -6.92
CA GLU A 155 -16.92 -15.17 -7.00
C GLU A 155 -17.26 -14.72 -5.58
N ILE A 156 -17.42 -13.42 -5.41
CA ILE A 156 -17.81 -12.79 -4.13
C ILE A 156 -19.11 -12.04 -4.34
N LYS A 157 -20.08 -12.32 -3.48
CA LYS A 157 -21.38 -11.64 -3.57
C LYS A 157 -21.31 -10.24 -2.99
N LYS A 158 -22.07 -9.29 -3.56
CA LYS A 158 -22.28 -7.93 -3.06
C LYS A 158 -22.56 -7.97 -1.58
N ASP A 159 -21.82 -7.12 -0.87
CA ASP A 159 -21.93 -6.85 0.59
C ASP A 159 -21.01 -7.77 1.38
N ALA A 160 -20.45 -8.81 0.80
CA ALA A 160 -19.53 -9.69 1.56
C ALA A 160 -18.27 -8.89 1.91
N PHE A 161 -17.72 -9.16 3.06
CA PHE A 161 -16.37 -8.68 3.43
C PHE A 161 -15.34 -9.61 2.81
N MET A 162 -14.16 -9.04 2.53
CA MET A 162 -13.06 -9.70 1.84
C MET A 162 -11.74 -9.41 2.53
N GLY A 163 -11.08 -10.51 2.92
CA GLY A 163 -9.73 -10.45 3.49
C GLY A 163 -8.68 -10.79 2.44
N LEU A 164 -7.69 -9.93 2.28
CA LEU A 164 -6.69 -10.05 1.26
C LEU A 164 -5.31 -10.10 1.92
N ILE A 165 -4.45 -10.99 1.47
CA ILE A 165 -3.03 -10.97 1.82
C ILE A 165 -2.24 -10.75 0.52
N GLU A 166 -1.49 -9.67 0.48
CA GLU A 166 -0.75 -9.30 -0.75
C GLU A 166 -1.72 -9.26 -1.94
N ASP A 167 -2.94 -8.82 -1.70
CA ASP A 167 -3.99 -8.64 -2.72
C ASP A 167 -4.61 -9.95 -3.22
N LYS A 168 -4.28 -11.08 -2.61
CA LYS A 168 -4.91 -12.38 -2.93
C LYS A 168 -6.06 -12.57 -1.94
N ILE A 169 -7.19 -13.05 -2.40
CA ILE A 169 -8.37 -13.31 -1.55
C ILE A 169 -8.12 -14.58 -0.73
N VAL A 170 -8.29 -14.42 0.57
CA VAL A 170 -8.13 -15.55 1.49
C VAL A 170 -9.35 -15.83 2.38
N SER A 171 -10.19 -14.84 2.60
CA SER A 171 -11.38 -15.04 3.44
C SER A 171 -12.47 -14.14 2.90
N SER A 172 -13.71 -14.56 3.08
CA SER A 172 -14.87 -13.71 2.77
C SER A 172 -16.09 -14.27 3.49
N GLN A 173 -16.97 -13.43 3.94
CA GLN A 173 -18.12 -13.94 4.79
C GLN A 173 -19.06 -12.69 4.83
N SER A 174 -20.34 -12.90 5.11
CA SER A 174 -21.26 -11.76 5.35
C SER A 174 -20.83 -11.07 6.67
N ASP A 175 -20.19 -11.79 7.60
CA ASP A 175 -19.83 -11.23 8.90
C ASP A 175 -18.39 -10.63 8.86
N GLN A 176 -18.31 -9.33 9.20
CA GLN A 176 -17.00 -8.63 9.16
C GLN A 176 -15.99 -9.20 10.15
N LEU A 177 -16.40 -9.40 11.42
CA LEU A 177 -15.43 -9.87 12.42
C LEU A 177 -14.88 -11.25 12.00
N THR A 178 -15.76 -12.13 11.55
CA THR A 178 -15.32 -13.47 11.13
C THR A 178 -14.29 -13.33 10.00
N THR A 179 -14.57 -12.46 9.04
CA THR A 179 -13.65 -12.31 7.89
C THR A 179 -12.28 -11.81 8.36
N VAL A 180 -12.27 -10.80 9.20
CA VAL A 180 -10.99 -10.15 9.54
C VAL A 180 -10.19 -11.03 10.52
N THR A 181 -10.83 -11.75 11.41
CA THR A 181 -10.11 -12.64 12.31
C THR A 181 -9.55 -13.85 11.56
N GLU A 182 -10.28 -14.36 10.56
CA GLU A 182 -9.70 -15.42 9.74
C GLU A 182 -8.47 -14.91 8.96
N LEU A 183 -8.60 -13.71 8.39
CA LEU A 183 -7.48 -13.06 7.70
C LEU A 183 -6.26 -13.01 8.64
N LEU A 184 -6.47 -12.42 9.81
CA LEU A 184 -5.36 -12.23 10.76
C LEU A 184 -4.82 -13.56 11.29
N ASN A 185 -5.67 -14.58 11.35
CA ASN A 185 -5.23 -15.90 11.79
C ASN A 185 -4.16 -16.44 10.85
N GLU A 186 -4.28 -16.10 9.58
CA GLU A 186 -3.22 -16.50 8.63
C GLU A 186 -2.07 -15.53 8.58
N MET A 187 -2.31 -14.22 8.72
CA MET A 187 -1.23 -13.27 8.68
C MET A 187 -0.31 -13.40 9.89
N LEU A 188 -0.88 -13.65 11.06
CA LEU A 188 -0.12 -13.73 12.32
C LEU A 188 0.37 -15.15 12.55
N ALA A 189 1.52 -15.22 13.16
CA ALA A 189 2.13 -16.48 13.59
C ALA A 189 2.58 -16.34 15.03
N GLU A 190 2.93 -17.44 15.68
N GLU A 190 2.93 -17.44 15.67
CA GLU A 190 3.26 -17.39 17.12
CA GLU A 190 3.23 -17.39 17.12
C GLU A 190 4.48 -16.49 17.29
C GLU A 190 4.50 -16.55 17.29
N ASP A 191 5.34 -16.40 16.25
CA ASP A 191 6.55 -15.57 16.38
C ASP A 191 6.40 -14.16 15.78
N SER A 192 5.21 -13.78 15.34
CA SER A 192 5.01 -12.37 14.91
C SER A 192 5.28 -11.42 16.07
N GLU A 193 5.88 -10.28 15.76
CA GLU A 193 6.23 -9.33 16.82
C GLU A 193 5.33 -8.10 16.80
N ILE A 194 5.04 -7.50 15.64
CA ILE A 194 4.29 -6.23 15.57
C ILE A 194 3.27 -6.34 14.46
N LEU A 195 2.04 -5.99 14.79
CA LEU A 195 0.95 -5.80 13.81
C LEU A 195 0.62 -4.33 13.79
N THR A 196 0.75 -3.67 12.63
CA THR A 196 0.25 -2.33 12.43
C THR A 196 -1.11 -2.41 11.78
N VAL A 197 -2.05 -1.66 12.30
CA VAL A 197 -3.43 -1.57 11.83
C VAL A 197 -3.70 -0.11 11.44
N ILE A 198 -4.12 0.12 10.19
CA ILE A 198 -4.51 1.45 9.73
C ILE A 198 -6.00 1.42 9.45
N ILE A 199 -6.75 2.17 10.26
CA ILE A 199 -8.22 2.18 10.31
C ILE A 199 -8.77 3.08 9.21
N GLY A 200 -9.63 2.51 8.35
CA GLY A 200 -10.27 3.24 7.28
C GLY A 200 -11.52 4.01 7.72
N GLN A 201 -12.02 4.86 6.78
CA GLN A 201 -13.20 5.71 7.07
C GLN A 201 -14.40 4.86 7.47
N ASP A 202 -14.59 3.68 6.88
CA ASP A 202 -15.84 2.91 7.02
C ASP A 202 -15.68 1.87 8.13
N ALA A 203 -14.53 1.75 8.78
CA ALA A 203 -14.38 0.79 9.89
C ALA A 203 -15.41 1.10 10.97
N GLU A 204 -15.87 0.01 11.64
CA GLU A 204 -16.77 0.11 12.79
C GLU A 204 -15.97 -0.07 14.07
N GLN A 205 -16.25 0.78 15.04
CA GLN A 205 -15.44 0.72 16.29
C GLN A 205 -15.69 -0.60 17.01
N ALA A 206 -16.90 -1.12 16.99
CA ALA A 206 -17.17 -2.38 17.69
C ALA A 206 -16.40 -3.54 17.05
N VAL A 207 -16.29 -3.56 15.71
CA VAL A 207 -15.47 -4.56 15.02
C VAL A 207 -14.00 -4.37 15.44
N THR A 208 -13.50 -3.13 15.38
CA THR A 208 -12.11 -2.90 15.75
C THR A 208 -11.83 -3.43 17.18
N ASP A 209 -12.73 -3.10 18.10
CA ASP A 209 -12.52 -3.51 19.51
C ASP A 209 -12.55 -5.04 19.64
N ASN A 210 -13.49 -5.69 18.98
CA ASN A 210 -13.59 -7.17 19.03
C ASN A 210 -12.38 -7.82 18.36
N MET A 211 -11.89 -7.23 17.28
CA MET A 211 -10.73 -7.72 16.55
C MET A 211 -9.50 -7.64 17.46
N ILE A 212 -9.30 -6.50 18.13
CA ILE A 212 -8.15 -6.31 19.03
C ILE A 212 -8.22 -7.34 20.17
N ASN A 213 -9.40 -7.50 20.74
CA ASN A 213 -9.52 -8.48 21.81
C ASN A 213 -9.17 -9.89 21.33
N TRP A 214 -9.59 -10.25 20.12
CA TRP A 214 -9.27 -11.55 19.55
C TRP A 214 -7.77 -11.72 19.38
N ILE A 215 -7.11 -10.68 18.83
CA ILE A 215 -5.65 -10.73 18.64
C ILE A 215 -4.98 -11.00 19.97
N GLU A 216 -5.40 -10.24 21.00
CA GLU A 216 -4.74 -10.31 22.30
C GLU A 216 -4.86 -11.71 22.89
N GLU A 217 -5.97 -12.39 22.65
CA GLU A 217 -6.18 -13.77 23.14
C GLU A 217 -5.33 -14.74 22.31
N GLN A 218 -5.48 -14.70 20.99
CA GLN A 218 -4.92 -15.76 20.13
C GLN A 218 -3.42 -15.60 19.90
N TYR A 219 -2.96 -14.34 19.89
CA TYR A 219 -1.54 -13.98 19.60
C TYR A 219 -1.08 -13.04 20.69
N PRO A 220 -0.95 -13.56 21.95
CA PRO A 220 -0.74 -12.70 23.11
C PRO A 220 0.60 -12.00 23.15
N ASP A 221 1.54 -12.39 22.29
CA ASP A 221 2.87 -11.77 22.26
C ASP A 221 3.01 -10.69 21.22
N VAL A 222 2.04 -10.55 20.35
CA VAL A 222 2.16 -9.53 19.28
C VAL A 222 1.85 -8.14 19.85
N GLU A 223 2.61 -7.10 19.47
CA GLU A 223 2.33 -5.70 19.79
C GLU A 223 1.38 -5.21 18.69
N VAL A 224 0.26 -4.61 19.05
CA VAL A 224 -0.75 -4.09 18.14
C VAL A 224 -0.65 -2.57 18.18
N GLU A 225 -0.25 -2.00 17.05
CA GLU A 225 -0.07 -0.55 16.86
C GLU A 225 -1.16 -0.05 15.92
N VAL A 226 -2.08 0.73 16.46
CA VAL A 226 -3.29 1.21 15.73
C VAL A 226 -3.08 2.66 15.34
N HIS A 227 -3.40 2.96 14.11
CA HIS A 227 -3.39 4.32 13.56
C HIS A 227 -4.65 4.58 12.77
N GLU A 228 -5.08 5.82 12.75
CA GLU A 228 -6.18 6.26 11.89
C GLU A 228 -5.63 6.56 10.52
N GLY A 229 -6.26 5.97 9.53
CA GLY A 229 -5.93 6.29 8.16
C GLY A 229 -6.96 7.16 7.51
N GLY A 230 -8.24 6.77 7.61
CA GLY A 230 -9.34 7.52 6.97
C GLY A 230 -9.56 7.13 5.51
N GLN A 231 -8.88 6.10 5.02
CA GLN A 231 -8.99 5.69 3.59
C GLN A 231 -10.37 5.16 3.35
N PRO A 232 -10.90 5.37 2.13
CA PRO A 232 -12.10 4.67 1.70
C PRO A 232 -11.72 3.25 1.28
N ILE A 233 -12.77 2.45 1.09
CA ILE A 233 -12.76 1.13 0.41
C ILE A 233 -12.14 0.04 1.31
N TYR A 234 -11.07 0.31 2.00
CA TYR A 234 -10.36 -0.66 2.85
C TYR A 234 -10.60 -0.28 4.29
N GLN A 235 -11.38 -1.11 4.97
N GLN A 235 -11.41 -1.07 5.00
CA GLN A 235 -11.70 -0.94 6.40
CA GLN A 235 -11.65 -0.81 6.44
C GLN A 235 -10.39 -0.94 7.19
C GLN A 235 -10.31 -0.85 7.16
N TYR A 236 -9.43 -1.78 6.79
CA TYR A 236 -8.11 -1.86 7.43
C TYR A 236 -7.02 -2.11 6.40
N PHE A 237 -5.85 -1.54 6.67
CA PHE A 237 -4.58 -2.07 6.13
C PHE A 237 -3.82 -2.70 7.28
N PHE A 238 -3.20 -3.81 7.01
CA PHE A 238 -2.43 -4.53 8.01
C PHE A 238 -1.02 -4.76 7.56
N SER A 239 -0.07 -4.75 8.49
CA SER A 239 1.34 -5.00 8.24
C SER A 239 1.86 -5.80 9.43
N VAL A 240 2.46 -6.97 9.16
CA VAL A 240 2.99 -7.88 10.20
C VAL A 240 4.50 -8.02 10.04
N GLU A 241 5.24 -7.61 11.07
CA GLU A 241 6.70 -7.75 11.25
C GLU A 241 6.96 -8.87 12.27
S SO4 B . -3.40 -2.98 -13.15
O1 SO4 B . -4.11 -3.89 -14.09
O2 SO4 B . -2.29 -2.47 -13.86
O3 SO4 B . -4.28 -1.90 -12.75
O4 SO4 B . -3.00 -3.83 -11.95
S SO4 C . -5.72 8.72 -4.87
O1 SO4 C . -7.11 8.82 -5.22
O2 SO4 C . -4.93 9.07 -6.04
O3 SO4 C . -5.44 9.63 -3.79
O4 SO4 C . -5.39 7.34 -4.46
S SO4 D . 1.79 -16.18 -5.14
O1 SO4 D . 0.67 -16.97 -5.62
O2 SO4 D . 3.06 -16.89 -5.32
O3 SO4 D . 1.53 -15.94 -3.69
O4 SO4 D . 1.84 -14.86 -5.78
S SO4 E . -19.04 3.34 14.24
O1 SO4 E . -19.58 2.01 14.20
O2 SO4 E . -19.27 4.04 12.97
O3 SO4 E . -19.62 4.10 15.33
O4 SO4 E . -17.67 3.28 14.49
S SO4 F . -22.01 -16.48 4.42
O1 SO4 F . -22.86 -16.94 3.36
O2 SO4 F . -21.07 -15.51 3.91
O3 SO4 F . -21.28 -17.60 4.98
O4 SO4 F . -22.80 -15.87 5.45
S SO4 G . 17.66 -0.43 -7.95
O1 SO4 G . 17.29 -1.87 -7.88
O2 SO4 G . 18.85 -0.27 -8.88
O3 SO4 G . 16.46 0.38 -8.44
O4 SO4 G . 18.04 0.04 -6.61
S SO4 H . -2.69 17.76 -5.07
O1 SO4 H . -3.03 19.09 -5.55
O2 SO4 H . -3.03 16.78 -6.07
O3 SO4 H . -3.45 17.48 -3.87
O4 SO4 H . -1.29 17.71 -4.78
S SO4 I . -10.84 13.47 -10.94
O1 SO4 I . -10.46 12.25 -10.27
O2 SO4 I . -11.05 13.20 -12.33
O3 SO4 I . -12.06 14.00 -10.36
O4 SO4 I . -9.79 14.45 -10.78
S SO4 J . 2.57 19.41 -17.93
O1 SO4 J . 1.20 19.44 -18.36
O2 SO4 J . 3.40 19.04 -19.07
O3 SO4 J . 2.96 20.78 -17.44
O4 SO4 J . 2.76 18.43 -16.91
S SO4 K . -20.57 -6.10 20.10
O1 SO4 K . -20.91 -5.79 18.64
O2 SO4 K . -20.01 -7.49 20.27
O3 SO4 K . -21.98 -6.08 20.89
O4 SO4 K . -19.61 -5.16 20.86
S SO4 L . 13.94 19.52 -0.06
O1 SO4 L . 14.65 18.26 0.24
O2 SO4 L . 14.44 20.12 -1.30
O3 SO4 L . 14.18 20.44 1.05
O4 SO4 L . 12.52 19.28 -0.17
#